data_7NEN
#
_entry.id   7NEN
#
_cell.length_a   46.000
_cell.length_b   151.850
_cell.length_c   57.940
_cell.angle_alpha   90.000
_cell.angle_beta   90.000
_cell.angle_gamma   90.000
#
_symmetry.space_group_name_H-M   'C 2 2 21'
#
loop_
_entity.id
_entity.type
_entity.pdbx_description
1 polymer 'Outer surface protein C'
2 water water
#
_entity_poly.entity_id   1
_entity_poly.type   'polypeptide(L)'
_entity_poly.pdbx_seq_one_letter_code
;KGPDLTVISKKITDSNAVVLAVKEVEALLSSIDELAKAIGQKIDRNNGLAVEANFNTSLLAGAYTISTLITKKLDELIKN
SGELKGEVEKAKNCSEAFTNKLKEKTQELAVAAGAATDIDAKKAILKTNRDKDLGADELGKLFKSVESLSKAAQEASANS
VKELTSPVVAENPKKP
;
_entity_poly.pdbx_strand_id   A
#
# COMPACT_ATOMS: atom_id res chain seq x y z
N LEU A 5 -15.86 -29.10 16.00
CA LEU A 5 -16.25 -29.55 14.68
C LEU A 5 -15.11 -29.35 13.67
N THR A 6 -14.78 -30.40 12.92
CA THR A 6 -13.61 -30.35 12.05
C THR A 6 -13.76 -29.28 10.97
N VAL A 7 -14.90 -29.27 10.27
CA VAL A 7 -15.11 -28.27 9.22
C VAL A 7 -15.23 -26.88 9.83
N ILE A 8 -15.96 -26.76 10.95
CA ILE A 8 -16.09 -25.47 11.62
C ILE A 8 -14.72 -24.98 12.09
N SER A 9 -13.86 -25.91 12.48
CA SER A 9 -12.48 -25.55 12.78
C SER A 9 -11.77 -25.03 11.52
N LYS A 10 -11.80 -25.82 10.44
CA LYS A 10 -11.15 -25.42 9.21
C LYS A 10 -11.62 -24.06 8.71
N LYS A 11 -12.84 -23.66 9.09
CA LYS A 11 -13.33 -22.34 8.67
C LYS A 11 -12.66 -21.21 9.45
N ILE A 12 -12.52 -21.39 10.77
CA ILE A 12 -11.81 -20.39 11.55
C ILE A 12 -10.37 -20.27 11.05
N THR A 13 -9.79 -21.36 10.56
CA THR A 13 -8.43 -21.35 10.05
C THR A 13 -8.33 -20.60 8.72
N ASP A 14 -9.29 -20.82 7.81
CA ASP A 14 -9.26 -20.14 6.52
C ASP A 14 -9.38 -18.64 6.69
N SER A 15 -10.42 -18.20 7.40
CA SER A 15 -10.61 -16.77 7.64
C SER A 15 -9.47 -16.15 8.44
N ASN A 16 -8.67 -16.97 9.12
CA ASN A 16 -7.48 -16.46 9.79
C ASN A 16 -6.42 -16.03 8.81
N ALA A 17 -6.03 -16.94 7.91
CA ALA A 17 -4.97 -16.61 6.95
C ALA A 17 -5.37 -15.47 6.05
N VAL A 18 -6.66 -15.15 5.95
CA VAL A 18 -7.17 -14.09 5.11
C VAL A 18 -6.94 -12.72 5.74
N VAL A 19 -7.30 -12.56 7.01
CA VAL A 19 -6.97 -11.31 7.68
C VAL A 19 -5.45 -11.16 7.79
N LEU A 20 -4.74 -12.25 8.05
CA LEU A 20 -3.29 -12.18 8.14
C LEU A 20 -2.69 -11.60 6.86
N ALA A 21 -3.10 -12.13 5.71
CA ALA A 21 -2.54 -11.68 4.44
C ALA A 21 -2.90 -10.24 4.14
N VAL A 22 -4.07 -9.80 4.59
CA VAL A 22 -4.52 -8.43 4.39
C VAL A 22 -3.75 -7.46 5.30
N LYS A 23 -3.50 -7.86 6.56
CA LYS A 23 -2.76 -6.98 7.46
C LYS A 23 -1.35 -6.76 6.93
N GLU A 24 -0.73 -7.80 6.38
CA GLU A 24 0.59 -7.67 5.76
C GLU A 24 0.61 -6.56 4.73
N VAL A 25 -0.43 -6.46 3.89
CA VAL A 25 -0.50 -5.40 2.89
C VAL A 25 -0.79 -4.04 3.55
N GLU A 26 -1.73 -4.00 4.52
CA GLU A 26 -1.95 -2.75 5.24
C GLU A 26 -0.61 -2.22 5.75
N ALA A 27 0.21 -3.10 6.32
CA ALA A 27 1.50 -2.68 6.87
C ALA A 27 2.46 -2.21 5.79
N LEU A 28 2.46 -2.87 4.62
CA LEU A 28 3.28 -2.34 3.53
C LEU A 28 2.75 -0.98 3.08
N LEU A 29 1.44 -0.83 2.99
CA LEU A 29 0.90 0.51 2.68
C LEU A 29 1.36 1.53 3.73
N SER A 30 1.20 1.20 5.01
CA SER A 30 1.63 2.16 6.04
C SER A 30 3.09 2.59 5.88
N SER A 31 3.94 1.70 5.37
N SER A 31 3.95 1.72 5.35
CA SER A 31 5.35 2.03 5.16
CA SER A 31 5.36 2.13 5.22
C SER A 31 5.52 3.13 4.13
C SER A 31 5.55 3.13 4.09
N ILE A 32 4.64 3.16 3.12
CA ILE A 32 4.76 4.18 2.09
C ILE A 32 4.38 5.52 2.69
N ASP A 33 3.47 5.51 3.66
CA ASP A 33 3.15 6.72 4.40
C ASP A 33 4.35 7.22 5.21
N GLU A 34 5.17 6.30 5.75
CA GLU A 34 6.35 6.75 6.49
C GLU A 34 7.36 7.36 5.54
N LEU A 35 7.49 6.78 4.34
CA LEU A 35 8.36 7.31 3.29
C LEU A 35 7.99 8.73 2.92
N ALA A 36 6.69 8.98 2.76
CA ALA A 36 6.21 10.34 2.51
C ALA A 36 6.64 11.30 3.62
N LYS A 37 6.63 10.82 4.87
CA LYS A 37 7.11 11.63 5.99
C LYS A 37 8.57 11.99 5.82
N ALA A 38 9.37 11.10 5.20
CA ALA A 38 10.78 11.39 5.02
C ALA A 38 11.07 12.11 3.71
N ILE A 39 10.05 12.65 3.00
CA ILE A 39 10.29 13.42 1.78
C ILE A 39 11.06 14.68 2.14
N GLY A 40 12.17 14.92 1.45
CA GLY A 40 13.03 16.05 1.78
C GLY A 40 13.54 16.14 3.21
N GLN A 41 13.88 15.00 3.83
CA GLN A 41 14.45 14.94 5.17
C GLN A 41 15.80 14.23 5.20
N LYS A 42 16.48 14.35 6.36
CA LYS A 42 17.63 13.53 6.72
C LYS A 42 17.53 13.09 8.17
N ILE A 43 18.17 11.96 8.53
CA ILE A 43 18.22 11.56 9.94
C ILE A 43 18.90 12.68 10.69
N ASP A 44 18.45 12.93 11.91
CA ASP A 44 18.95 14.03 12.74
C ASP A 44 19.18 13.52 14.17
N ARG A 45 20.42 13.61 14.64
CA ARG A 45 20.79 12.91 15.85
C ARG A 45 20.07 13.44 17.08
N ASN A 46 19.61 14.70 17.07
CA ASN A 46 18.76 15.21 18.15
C ASN A 46 17.29 15.14 17.83
N ASN A 47 16.90 15.38 16.58
CA ASN A 47 15.50 15.62 16.29
C ASN A 47 14.82 14.47 15.57
N GLY A 48 15.56 13.44 15.18
CA GLY A 48 15.00 12.40 14.36
C GLY A 48 15.18 12.74 12.90
N LEU A 49 14.47 13.78 12.42
CA LEU A 49 14.59 14.23 11.04
C LEU A 49 14.83 15.73 10.97
N ALA A 50 15.73 16.13 10.09
CA ALA A 50 15.89 17.54 9.76
C ALA A 50 15.71 17.69 8.24
N VAL A 51 15.77 18.93 7.78
CA VAL A 51 15.43 19.26 6.39
C VAL A 51 16.67 19.15 5.53
N GLU A 52 16.55 18.40 4.45
CA GLU A 52 17.60 18.32 3.44
C GLU A 52 16.83 18.06 2.15
N ALA A 53 16.51 19.15 1.48
CA ALA A 53 15.48 19.06 0.43
C ALA A 53 15.89 18.88 -1.02
N ASN A 54 14.93 18.39 -1.81
CA ASN A 54 15.09 18.34 -3.27
C ASN A 54 16.06 17.26 -3.70
N PHE A 55 16.05 16.13 -3.00
CA PHE A 55 16.93 14.98 -3.34
C PHE A 55 16.20 13.69 -2.98
N ASN A 56 15.11 13.41 -3.68
CA ASN A 56 14.22 12.33 -3.31
C ASN A 56 14.22 11.17 -4.31
N THR A 57 15.18 11.09 -5.23
CA THR A 57 15.11 10.07 -6.29
C THR A 57 15.07 8.66 -5.72
N SER A 58 16.05 8.30 -4.89
CA SER A 58 16.09 6.90 -4.44
C SER A 58 14.99 6.64 -3.43
N LEU A 59 14.63 7.63 -2.63
CA LEU A 59 13.49 7.47 -1.75
C LEU A 59 12.28 6.98 -2.52
N LEU A 60 12.03 7.61 -3.69
CA LEU A 60 10.95 7.19 -4.57
C LEU A 60 11.21 5.81 -5.14
N ALA A 61 12.48 5.49 -5.42
CA ALA A 61 12.73 4.15 -5.94
C ALA A 61 12.28 3.12 -4.93
N GLY A 62 12.35 3.44 -3.62
CA GLY A 62 11.97 2.47 -2.60
C GLY A 62 10.48 2.32 -2.44
N ALA A 63 9.74 3.40 -2.51
CA ALA A 63 8.28 3.27 -2.67
C ALA A 63 7.92 2.45 -3.91
N TYR A 64 8.65 2.63 -5.03
CA TYR A 64 8.33 1.81 -6.21
C TYR A 64 8.46 0.33 -5.88
N THR A 65 9.60 -0.07 -5.26
CA THR A 65 9.84 -1.50 -5.04
C THR A 65 8.85 -2.04 -4.02
N ILE A 66 8.49 -1.25 -2.99
CA ILE A 66 7.46 -1.70 -2.06
C ILE A 66 6.14 -1.90 -2.78
N SER A 67 5.78 -0.99 -3.70
CA SER A 67 4.50 -1.15 -4.40
C SER A 67 4.43 -2.43 -5.21
N THR A 68 5.55 -2.86 -5.79
CA THR A 68 5.56 -4.13 -6.52
C THR A 68 5.46 -5.33 -5.60
N LEU A 69 5.83 -5.20 -4.32
CA LEU A 69 5.65 -6.32 -3.42
C LEU A 69 4.21 -6.43 -2.95
N ILE A 70 3.52 -5.29 -2.86
CA ILE A 70 2.10 -5.27 -2.53
C ILE A 70 1.28 -5.95 -3.62
N THR A 71 1.54 -5.63 -4.88
CA THR A 71 0.78 -6.31 -5.93
C THR A 71 0.94 -7.82 -5.77
N LYS A 72 2.19 -8.26 -5.49
CA LYS A 72 2.48 -9.68 -5.38
C LYS A 72 1.68 -10.35 -4.27
N LYS A 73 1.46 -9.65 -3.17
CA LYS A 73 0.77 -10.28 -2.06
C LYS A 73 -0.72 -10.29 -2.33
N LEU A 74 -1.24 -9.21 -2.90
CA LEU A 74 -2.63 -9.23 -3.37
C LEU A 74 -2.87 -10.37 -4.34
N ASP A 75 -1.92 -10.62 -5.24
CA ASP A 75 -2.11 -11.62 -6.29
C ASP A 75 -2.10 -13.04 -5.73
N GLU A 76 -1.10 -13.37 -4.92
CA GLU A 76 -1.03 -14.66 -4.26
C GLU A 76 -2.24 -14.92 -3.36
N LEU A 77 -2.89 -13.88 -2.86
CA LEU A 77 -4.01 -14.09 -1.94
C LEU A 77 -5.25 -14.59 -2.69
N ILE A 78 -5.36 -14.27 -3.98
CA ILE A 78 -6.58 -14.56 -4.72
C ILE A 78 -6.96 -16.04 -4.61
N LYS A 79 -5.98 -16.94 -4.80
CA LYS A 79 -6.29 -18.37 -4.76
C LYS A 79 -6.83 -18.80 -3.39
N ASN A 80 -6.48 -18.08 -2.33
CA ASN A 80 -6.95 -18.44 -0.98
C ASN A 80 -8.02 -17.47 -0.48
N SER A 81 -8.68 -16.73 -1.36
CA SER A 81 -9.54 -15.63 -0.94
C SER A 81 -11.01 -16.01 -0.78
N GLY A 82 -11.44 -17.13 -1.36
CA GLY A 82 -12.80 -17.61 -1.10
C GLY A 82 -13.87 -16.66 -1.63
N GLU A 83 -14.78 -16.24 -0.73
CA GLU A 83 -15.87 -15.35 -1.13
C GLU A 83 -15.39 -13.91 -1.32
N LEU A 84 -14.21 -13.57 -0.82
CA LEU A 84 -13.68 -12.22 -0.98
C LEU A 84 -12.73 -12.12 -2.16
N LYS A 85 -12.74 -13.11 -3.04
CA LYS A 85 -12.03 -13.05 -4.32
C LYS A 85 -12.30 -11.75 -5.04
N GLY A 86 -13.58 -11.34 -5.09
CA GLY A 86 -13.94 -10.12 -5.80
C GLY A 86 -13.21 -8.90 -5.25
N GLU A 87 -13.22 -8.75 -3.92
CA GLU A 87 -12.58 -7.58 -3.29
C GLU A 87 -11.07 -7.64 -3.39
N VAL A 88 -10.50 -8.84 -3.41
CA VAL A 88 -9.04 -8.93 -3.57
C VAL A 88 -8.67 -8.48 -4.96
N GLU A 89 -9.42 -8.92 -5.96
CA GLU A 89 -9.03 -8.61 -7.34
C GLU A 89 -9.06 -7.11 -7.60
N LYS A 90 -10.08 -6.42 -7.07
N LYS A 90 -10.05 -6.40 -7.05
CA LYS A 90 -10.12 -4.97 -7.19
CA LYS A 90 -10.06 -4.95 -7.26
C LYS A 90 -8.96 -4.33 -6.44
C LYS A 90 -9.02 -4.26 -6.39
N ALA A 91 -8.62 -4.86 -5.27
CA ALA A 91 -7.50 -4.31 -4.52
C ALA A 91 -6.21 -4.39 -5.34
N LYS A 92 -5.98 -5.54 -5.99
CA LYS A 92 -4.72 -5.75 -6.71
C LYS A 92 -4.60 -4.84 -7.93
N ASN A 93 -5.74 -4.62 -8.62
CA ASN A 93 -5.78 -3.72 -9.76
C ASN A 93 -5.48 -2.27 -9.38
N CYS A 94 -5.98 -1.81 -8.22
CA CYS A 94 -5.52 -0.52 -7.71
C CYS A 94 -4.01 -0.53 -7.51
N SER A 95 -3.45 -1.60 -6.94
N SER A 95 -3.46 -1.59 -6.90
CA SER A 95 -2.01 -1.60 -6.67
CA SER A 95 -2.02 -1.69 -6.69
C SER A 95 -1.22 -1.52 -7.97
C SER A 95 -1.26 -1.50 -7.99
N GLU A 96 -1.67 -2.24 -9.02
CA GLU A 96 -0.97 -2.19 -10.31
C GLU A 96 -1.02 -0.79 -10.92
N ALA A 97 -2.16 -0.10 -10.77
CA ALA A 97 -2.35 1.25 -11.30
C ALA A 97 -1.42 2.26 -10.60
N PHE A 98 -1.30 2.17 -9.27
CA PHE A 98 -0.30 2.95 -8.55
C PHE A 98 1.09 2.70 -9.13
N THR A 99 1.51 1.43 -9.23
CA THR A 99 2.87 1.19 -9.73
C THR A 99 3.05 1.73 -11.14
N ASN A 100 2.06 1.51 -12.02
CA ASN A 100 2.15 2.01 -13.39
C ASN A 100 2.26 3.54 -13.49
N LYS A 101 1.59 4.28 -12.59
N LYS A 101 1.59 4.28 -12.59
CA LYS A 101 1.66 5.75 -12.66
CA LYS A 101 1.66 5.73 -12.64
C LYS A 101 3.04 6.26 -12.28
C LYS A 101 3.04 6.25 -12.29
N LEU A 102 3.66 5.66 -11.26
CA LEU A 102 5.05 6.03 -10.93
C LEU A 102 5.96 5.86 -12.13
N LYS A 103 5.76 4.77 -12.90
CA LYS A 103 6.63 4.47 -14.04
C LYS A 103 6.44 5.48 -15.17
N GLU A 104 5.20 5.89 -15.41
CA GLU A 104 4.91 6.99 -16.33
C GLU A 104 5.70 8.25 -15.99
N LYS A 105 5.98 8.50 -14.71
CA LYS A 105 6.43 9.84 -14.35
C LYS A 105 7.93 9.90 -14.03
N THR A 106 8.77 9.21 -14.82
CA THR A 106 10.21 9.17 -14.46
C THR A 106 10.86 10.53 -14.65
N GLN A 107 10.24 11.41 -15.44
CA GLN A 107 10.81 12.73 -15.66
C GLN A 107 10.86 13.50 -14.36
N GLU A 108 9.81 13.36 -13.57
CA GLU A 108 9.67 14.07 -12.32
C GLU A 108 10.22 13.28 -11.14
N LEU A 109 10.10 11.95 -11.15
CA LEU A 109 10.32 11.11 -9.98
C LEU A 109 11.66 10.41 -9.99
N ALA A 110 12.34 10.37 -11.14
CA ALA A 110 13.56 9.61 -11.35
C ALA A 110 14.65 10.53 -11.90
N VAL A 111 15.02 11.54 -11.12
CA VAL A 111 15.86 12.66 -11.57
C VAL A 111 17.32 12.36 -11.30
N ALA A 112 18.17 12.72 -12.25
CA ALA A 112 19.59 12.46 -12.14
C ALA A 112 20.17 13.15 -10.91
N ALA A 113 21.30 12.59 -10.43
CA ALA A 113 22.01 13.13 -9.29
C ALA A 113 21.09 13.28 -8.10
N GLY A 114 20.09 12.42 -8.03
CA GLY A 114 19.27 12.21 -6.85
C GLY A 114 18.14 13.18 -6.62
N ALA A 115 17.89 14.10 -7.55
CA ALA A 115 17.29 15.39 -7.21
C ALA A 115 15.81 15.49 -7.59
N ALA A 116 15.00 14.50 -7.24
CA ALA A 116 13.56 14.63 -7.41
C ALA A 116 13.04 15.58 -6.35
N THR A 117 12.30 16.63 -6.74
CA THR A 117 11.97 17.68 -5.79
C THR A 117 10.96 17.17 -4.77
N ASP A 118 10.90 17.84 -3.62
CA ASP A 118 9.87 17.47 -2.65
C ASP A 118 8.49 17.70 -3.24
N ILE A 119 8.33 18.76 -4.03
CA ILE A 119 7.01 19.04 -4.58
C ILE A 119 6.54 17.88 -5.45
N ASP A 120 7.41 17.35 -6.32
CA ASP A 120 6.96 16.27 -7.19
C ASP A 120 6.73 14.98 -6.41
N ALA A 121 7.60 14.71 -5.42
CA ALA A 121 7.49 13.49 -4.62
C ALA A 121 6.17 13.42 -3.87
N LYS A 122 5.74 14.54 -3.26
CA LYS A 122 4.45 14.56 -2.58
C LYS A 122 3.28 14.30 -3.54
N LYS A 123 3.40 14.72 -4.81
CA LYS A 123 2.35 14.42 -5.81
C LYS A 123 2.28 12.94 -6.17
N ALA A 124 3.28 12.13 -5.75
CA ALA A 124 3.34 10.68 -5.98
C ALA A 124 2.92 9.85 -4.76
N ILE A 125 3.39 10.19 -3.53
CA ILE A 125 3.24 9.24 -2.43
C ILE A 125 2.63 9.83 -1.17
N LEU A 126 2.10 11.06 -1.24
CA LEU A 126 1.49 11.68 -0.07
C LEU A 126 -0.01 11.68 -0.33
N LYS A 127 -0.70 10.68 0.22
CA LYS A 127 -2.14 10.48 0.12
C LYS A 127 -2.93 11.78 0.20
N THR A 128 -2.49 12.72 1.04
CA THR A 128 -3.25 13.92 1.36
C THR A 128 -2.80 15.17 0.60
N ASN A 129 -1.73 15.11 -0.21
CA ASN A 129 -1.34 16.27 -1.00
C ASN A 129 -2.55 16.79 -1.82
N ARG A 130 -2.59 18.09 -2.10
CA ARG A 130 -3.70 18.60 -2.92
C ARG A 130 -3.54 18.16 -4.38
N ASP A 131 -2.37 18.40 -4.97
CA ASP A 131 -2.00 17.84 -6.26
C ASP A 131 -1.64 16.37 -6.12
N LYS A 132 -2.36 15.50 -6.88
CA LYS A 132 -2.14 14.06 -6.73
C LYS A 132 -1.77 13.41 -8.06
N ASP A 133 -1.18 14.16 -8.98
CA ASP A 133 -1.11 13.71 -10.37
C ASP A 133 0.08 12.81 -10.68
N LEU A 134 0.97 12.51 -9.72
CA LEU A 134 2.11 11.67 -10.02
C LEU A 134 2.05 10.33 -9.28
N GLY A 135 0.86 9.89 -8.90
CA GLY A 135 0.64 8.61 -8.24
C GLY A 135 -0.15 8.72 -6.95
N ALA A 136 -0.09 9.89 -6.35
CA ALA A 136 -0.82 10.10 -5.11
C ALA A 136 -2.31 9.76 -5.23
N ASP A 137 -2.94 10.08 -6.38
CA ASP A 137 -4.33 9.72 -6.59
C ASP A 137 -4.52 8.21 -6.51
N GLU A 138 -3.68 7.45 -7.23
CA GLU A 138 -3.83 5.99 -7.19
C GLU A 138 -3.47 5.42 -5.82
N LEU A 139 -2.48 5.99 -5.13
CA LEU A 139 -2.15 5.50 -3.80
C LEU A 139 -3.37 5.55 -2.89
N GLY A 140 -4.10 6.68 -2.93
CA GLY A 140 -5.32 6.79 -2.15
C GLY A 140 -6.40 5.82 -2.57
N LYS A 141 -6.59 5.62 -3.88
CA LYS A 141 -7.57 4.63 -4.31
C LYS A 141 -7.21 3.23 -3.78
N LEU A 142 -5.92 2.94 -3.69
CA LEU A 142 -5.43 1.64 -3.21
C LEU A 142 -5.62 1.47 -1.69
N PHE A 143 -5.38 2.52 -0.91
CA PHE A 143 -5.71 2.45 0.51
C PHE A 143 -7.17 2.16 0.73
N LYS A 144 -8.05 2.92 0.05
CA LYS A 144 -9.48 2.74 0.30
C LYS A 144 -9.92 1.34 -0.07
N SER A 145 -9.42 0.81 -1.19
N SER A 145 -9.43 0.81 -1.20
CA SER A 145 -9.84 -0.53 -1.62
CA SER A 145 -9.84 -0.52 -1.62
C SER A 145 -9.27 -1.62 -0.73
C SER A 145 -9.28 -1.60 -0.70
N VAL A 146 -8.07 -1.42 -0.17
CA VAL A 146 -7.55 -2.40 0.78
C VAL A 146 -8.26 -2.26 2.11
N GLU A 147 -8.64 -1.04 2.48
CA GLU A 147 -9.41 -0.82 3.70
C GLU A 147 -10.80 -1.43 3.61
N SER A 148 -11.35 -1.54 2.41
N SER A 148 -11.36 -1.50 2.40
CA SER A 148 -12.62 -2.23 2.26
CA SER A 148 -12.61 -2.21 2.16
C SER A 148 -12.44 -3.74 2.21
C SER A 148 -12.41 -3.71 2.23
N LEU A 149 -11.34 -4.22 1.61
CA LEU A 149 -11.02 -5.64 1.71
C LEU A 149 -10.88 -6.06 3.17
N SER A 150 -10.28 -5.21 4.00
CA SER A 150 -10.11 -5.52 5.42
C SER A 150 -11.45 -5.70 6.15
N LYS A 151 -12.58 -5.52 5.46
CA LYS A 151 -13.86 -6.02 5.96
C LYS A 151 -13.81 -7.51 6.28
N ALA A 152 -12.81 -8.21 5.74
CA ALA A 152 -12.49 -9.58 6.11
C ALA A 152 -12.25 -9.76 7.61
N ALA A 153 -12.11 -8.67 8.37
CA ALA A 153 -12.05 -8.80 9.83
C ALA A 153 -13.42 -9.19 10.39
N GLN A 154 -14.48 -8.53 9.94
CA GLN A 154 -15.83 -8.90 10.37
C GLN A 154 -16.14 -10.33 9.94
N GLU A 155 -15.74 -10.69 8.72
CA GLU A 155 -15.96 -12.05 8.22
C GLU A 155 -15.35 -13.09 9.16
N ALA A 156 -14.04 -12.97 9.43
CA ALA A 156 -13.35 -13.94 10.26
C ALA A 156 -13.84 -13.90 11.70
N SER A 157 -13.99 -12.69 12.26
CA SER A 157 -14.45 -12.57 13.65
C SER A 157 -15.83 -13.18 13.83
N ALA A 158 -16.70 -13.09 12.82
CA ALA A 158 -17.98 -13.74 12.90
C ALA A 158 -17.84 -15.27 12.81
N ASN A 159 -16.87 -15.72 12.04
CA ASN A 159 -16.57 -17.18 11.97
C ASN A 159 -16.35 -17.70 13.39
N SER A 160 -15.41 -17.11 14.11
CA SER A 160 -15.14 -17.58 15.47
C SER A 160 -16.39 -17.36 16.33
N VAL A 161 -17.10 -16.25 16.13
CA VAL A 161 -18.29 -15.94 16.96
C VAL A 161 -19.34 -16.66 16.14
N LYS A 162 -19.07 -17.92 15.75
CA LYS A 162 -20.08 -18.98 15.47
C LYS A 162 -20.01 -19.81 16.75
N GLU A 163 -20.37 -19.18 17.86
CA GLU A 163 -20.41 -19.87 19.17
C GLU A 163 -21.90 -20.00 19.46
N LEU A 164 -22.74 -19.50 18.57
CA LEU A 164 -24.22 -19.56 18.71
C LEU A 164 -24.74 -20.41 17.55
#